data_8DKS
#
_entry.id   8DKS
#
_cell.length_a   88.913
_cell.length_b   119.487
_cell.length_c   139.365
_cell.angle_alpha   90.000
_cell.angle_beta   90.000
_cell.angle_gamma   90.000
#
_symmetry.space_group_name_H-M   'I 2 2 2'
#
loop_
_entity.id
_entity.type
_entity.pdbx_description
1 polymer 'Interleukin-1 receptor-associated kinase 4'
2 non-polymer (1S,2S,3R,4R)-3-({2-[3-(pyrrolidine-1-carbonyl)anilino]thieno[3,2-d]pyrimidin-4-yl}amino)bicyclo[2.2.1]hept-5-ene-2-carboxamide
3 non-polymer BETA-MERCAPTOETHANOL
4 water water
#
_entity_poly.entity_id   1
_entity_poly.type   'polypeptide(L)'
_entity_poly.pdbx_seq_one_letter_code
;MNKPITPSTYVRCLNVGLIRKLSDFIDPQEGWKKLAVAIKKPSGDDRYNQFHIRRFEALLQTGKSPTSELLFDWGTTNCT
VGDLVDLLIQNEFFAPASLLLPDAVPKTANTLPSKEAITVQQKQMPFCDKDRTLMTPVQNLEQSYMPPDSSSPENKSLEV
SDTRFHSFSFYELKNVTNNFDERPISVGGNKMGEGGFGVVYKGYVNNTTVAVKKLAAMVDITTEELKQQFDQEIKVMAKC
QHENLVELLGFSSDGDDLCLVYVYMPNGSLLDRLSCLDGTPPLSWHMRCKIAQGAANGINFLHENHHIHRDIKSANILLD
EAFTAKISDFGLARASEKFAQTVMT(SEP)RIVGTTAYMAPEALRGEITPKSDIYSFGVVLLEIITGLPAVDEHREPQLL
LDIKEEIEDEEKTIEDYIDKKMNDADSTSVEAMYSVASQCLHEKKNKRPDIKKVQQLLQEMTAS
;
_entity_poly.pdbx_strand_id   A,B
#
loop_
_chem_comp.id
_chem_comp.type
_chem_comp.name
_chem_comp.formula
BME non-polymer BETA-MERCAPTOETHANOL 'C2 H6 O S'
SO9 non-polymer (1S,2S,3R,4R)-3-({2-[3-(pyrrolidine-1-carbonyl)anilino]thieno[3,2-d]pyrimidin-4-yl}amino)bicyclo[2.2.1]hept-5-ene-2-carboxamide 'C25 H26 N6 O2 S'
#
# COMPACT_ATOMS: atom_id res chain seq x y z
N PHE A 165 1.26 -5.52 -26.48
CA PHE A 165 2.36 -4.81 -25.76
C PHE A 165 2.84 -3.58 -26.54
N HIS A 166 3.49 -2.67 -25.81
CA HIS A 166 4.29 -1.61 -26.43
C HIS A 166 5.69 -2.16 -26.69
N SER A 167 6.43 -1.52 -27.60
CA SER A 167 7.82 -1.87 -27.88
C SER A 167 8.74 -0.70 -27.50
N PHE A 168 9.87 -1.01 -26.85
CA PHE A 168 10.82 -0.01 -26.36
C PHE A 168 12.16 -0.12 -27.08
N SER A 169 12.81 1.03 -27.28
CA SER A 169 14.21 1.07 -27.72
C SER A 169 15.09 0.72 -26.53
N PHE A 170 16.17 -0.02 -26.78
CA PHE A 170 17.15 -0.35 -25.74
C PHE A 170 17.77 0.90 -25.13
N TYR A 171 18.03 1.89 -25.99
CA TYR A 171 18.65 3.14 -25.58
C TYR A 171 17.70 4.08 -24.83
N GLU A 172 16.39 3.96 -25.08
CA GLU A 172 15.39 4.63 -24.25
C GLU A 172 15.43 4.08 -22.82
N LEU A 173 15.47 2.76 -22.68
CA LEU A 173 15.53 2.11 -21.35
C LEU A 173 16.89 2.38 -20.67
N LYS A 174 17.97 2.36 -21.44
CA LYS A 174 19.31 2.72 -20.95
C LYS A 174 19.35 4.17 -20.45
N ASN A 175 18.68 5.06 -21.18
CA ASN A 175 18.59 6.49 -20.83
C ASN A 175 17.80 6.73 -19.53
N VAL A 176 16.64 6.10 -19.38
CA VAL A 176 15.74 6.37 -18.25
C VAL A 176 16.08 5.60 -16.96
N THR A 177 17.10 4.73 -17.02
CA THR A 177 17.64 4.03 -15.85
C THR A 177 19.06 4.52 -15.47
N ASN A 178 19.42 5.71 -15.92
CA ASN A 178 20.74 6.31 -15.64
C ASN A 178 21.89 5.39 -16.10
N ASN A 179 21.82 4.98 -17.36
CA ASN A 179 22.80 4.07 -17.99
C ASN A 179 22.96 2.75 -17.21
N PHE A 180 21.83 2.21 -16.75
CA PHE A 180 21.76 0.98 -15.94
C PHE A 180 22.65 1.04 -14.69
N ASP A 181 22.33 2.00 -13.82
CA ASP A 181 23.09 2.22 -12.58
C ASP A 181 22.81 1.10 -11.57
N GLU A 182 23.85 0.34 -11.21
CA GLU A 182 23.71 -0.90 -10.42
C GLU A 182 23.72 -0.71 -8.90
N ARG A 183 24.09 0.47 -8.41
CA ARG A 183 24.02 0.75 -6.96
C ARG A 183 22.56 0.99 -6.52
N PRO A 184 22.24 0.79 -5.22
CA PRO A 184 20.83 0.84 -4.80
C PRO A 184 20.13 2.21 -4.92
N ILE A 185 18.81 2.19 -4.74
CA ILE A 185 17.97 3.38 -4.87
C ILE A 185 18.30 4.44 -3.80
N SER A 186 18.48 3.99 -2.56
CA SER A 186 18.73 4.88 -1.41
C SER A 186 20.06 5.65 -1.50
N VAL A 187 21.11 4.97 -1.96
CA VAL A 187 22.42 5.62 -2.16
C VAL A 187 22.41 6.63 -3.30
N GLY A 188 21.69 6.32 -4.37
CA GLY A 188 21.59 7.20 -5.54
C GLY A 188 21.14 6.55 -6.84
N GLY A 189 21.48 5.28 -7.05
CA GLY A 189 21.26 4.59 -8.32
C GLY A 189 19.84 4.11 -8.59
N ASN A 190 19.73 3.07 -9.42
CA ASN A 190 18.43 2.53 -9.86
C ASN A 190 18.19 1.03 -9.64
N LYS A 191 19.15 0.31 -9.06
CA LYS A 191 18.97 -1.13 -8.77
C LYS A 191 17.96 -1.31 -7.64
N MET A 192 16.86 -1.97 -7.97
CA MET A 192 15.81 -2.32 -7.01
C MET A 192 16.14 -3.61 -6.27
N GLY A 193 16.88 -4.50 -6.93
CA GLY A 193 17.24 -5.81 -6.38
C GLY A 193 17.68 -6.74 -7.49
N GLU A 194 17.58 -8.05 -7.25
CA GLU A 194 18.10 -9.04 -8.20
C GLU A 194 17.22 -10.28 -8.23
N GLY A 195 16.95 -10.80 -9.43
CA GLY A 195 16.02 -11.93 -9.63
C GLY A 195 16.52 -12.94 -10.64
N GLY A 196 15.56 -13.63 -11.28
CA GLY A 196 15.85 -14.72 -12.23
C GLY A 196 16.70 -14.31 -13.44
N PHE A 197 16.41 -13.13 -13.99
CA PHE A 197 17.20 -12.54 -15.09
C PHE A 197 18.19 -11.49 -14.54
N GLY A 198 18.81 -11.76 -13.40
CA GLY A 198 19.74 -10.83 -12.78
C GLY A 198 19.06 -9.57 -12.26
N VAL A 199 19.70 -8.42 -12.48
CA VAL A 199 19.33 -7.17 -11.81
C VAL A 199 18.11 -6.52 -12.43
N VAL A 200 17.24 -5.96 -11.58
CA VAL A 200 16.06 -5.20 -12.00
C VAL A 200 16.29 -3.72 -11.72
N TYR A 201 15.97 -2.87 -12.69
CA TYR A 201 16.21 -1.44 -12.58
C TYR A 201 14.91 -0.62 -12.58
N LYS A 202 14.88 0.41 -11.74
CA LYS A 202 13.83 1.41 -11.76
C LYS A 202 14.03 2.38 -12.93
N GLY A 203 12.94 2.76 -13.60
CA GLY A 203 12.96 3.76 -14.68
C GLY A 203 11.64 4.51 -14.81
N TYR A 204 11.63 5.52 -15.68
CA TYR A 204 10.43 6.32 -15.96
C TYR A 204 10.23 6.51 -17.46
N VAL A 205 9.13 5.95 -17.98
CA VAL A 205 8.75 6.06 -19.39
C VAL A 205 7.27 6.35 -19.52
N ASN A 206 6.91 7.22 -20.46
CA ASN A 206 5.51 7.58 -20.74
C ASN A 206 4.75 8.07 -19.49
N ASN A 207 5.42 8.96 -18.73
CA ASN A 207 4.89 9.49 -17.46
C ASN A 207 4.47 8.39 -16.46
N THR A 208 5.20 7.28 -16.45
CA THR A 208 4.82 6.06 -15.72
C THR A 208 6.05 5.38 -15.14
N THR A 209 6.01 5.06 -13.84
CA THR A 209 7.15 4.40 -13.21
C THR A 209 7.15 2.94 -13.64
N VAL A 210 8.33 2.41 -13.96
CA VAL A 210 8.47 1.09 -14.56
C VAL A 210 9.62 0.31 -13.95
N ALA A 211 9.42 -1.00 -13.85
CA ALA A 211 10.49 -1.93 -13.50
C ALA A 211 11.03 -2.45 -14.82
N VAL A 212 12.36 -2.45 -14.95
CA VAL A 212 13.05 -2.96 -16.14
C VAL A 212 13.95 -4.14 -15.76
N LYS A 213 13.66 -5.31 -16.31
CA LYS A 213 14.55 -6.49 -16.19
C LYS A 213 15.51 -6.49 -17.38
N LYS A 214 16.82 -6.47 -17.10
CA LYS A 214 17.85 -6.59 -18.15
C LYS A 214 18.33 -8.04 -18.22
N LEU A 215 17.96 -8.73 -19.31
CA LEU A 215 18.31 -10.15 -19.50
C LEU A 215 19.73 -10.28 -20.08
N ALA A 216 20.72 -10.16 -19.19
CA ALA A 216 22.13 -10.14 -19.58
C ALA A 216 22.73 -11.54 -19.68
N THR A 222 23.87 -19.56 -20.06
CA THR A 222 24.26 -19.16 -21.41
C THR A 222 23.28 -18.16 -22.03
N THR A 223 23.70 -17.55 -23.13
CA THR A 223 22.86 -16.59 -23.88
C THR A 223 21.72 -17.28 -24.63
N GLU A 224 21.93 -18.52 -25.06
CA GLU A 224 20.91 -19.31 -25.77
C GLU A 224 19.77 -19.74 -24.83
N GLU A 225 20.14 -20.24 -23.66
CA GLU A 225 19.16 -20.64 -22.64
C GLU A 225 18.39 -19.45 -22.04
N LEU A 226 18.99 -18.26 -22.08
CA LEU A 226 18.36 -17.03 -21.60
C LEU A 226 17.20 -16.56 -22.51
N LYS A 227 17.39 -16.70 -23.82
CA LYS A 227 16.36 -16.33 -24.81
C LYS A 227 15.10 -17.21 -24.73
N GLN A 228 15.28 -18.50 -24.43
CA GLN A 228 14.15 -19.41 -24.20
C GLN A 228 13.29 -18.96 -23.00
N GLN A 229 13.95 -18.51 -21.94
CA GLN A 229 13.25 -17.96 -20.77
C GLN A 229 12.61 -16.60 -21.05
N PHE A 230 13.25 -15.79 -21.89
CA PHE A 230 12.71 -14.49 -22.35
C PHE A 230 11.39 -14.68 -23.09
N ASP A 231 11.36 -15.61 -24.05
CA ASP A 231 10.14 -15.91 -24.81
C ASP A 231 9.05 -16.53 -23.93
N GLN A 232 9.46 -17.32 -22.94
CA GLN A 232 8.52 -17.94 -21.99
C GLN A 232 7.79 -16.90 -21.15
N GLU A 233 8.53 -15.90 -20.66
CA GLU A 233 7.95 -14.74 -19.95
C GLU A 233 6.93 -14.00 -20.83
N ILE A 234 7.21 -13.89 -22.13
CA ILE A 234 6.31 -13.21 -23.08
C ILE A 234 5.09 -14.07 -23.43
N LYS A 235 5.32 -15.34 -23.77
CA LYS A 235 4.24 -16.26 -24.15
C LYS A 235 3.26 -16.51 -22.99
N VAL A 236 3.78 -16.55 -21.77
CA VAL A 236 2.94 -16.64 -20.58
C VAL A 236 2.20 -15.33 -20.30
N MET A 237 2.88 -14.18 -20.40
CA MET A 237 2.25 -12.88 -20.08
C MET A 237 1.48 -12.24 -21.23
N ALA A 238 1.46 -12.86 -22.40
CA ALA A 238 0.64 -12.42 -23.54
C ALA A 238 -0.82 -12.83 -23.33
N LYS A 239 -1.03 -14.09 -22.95
CA LYS A 239 -2.37 -14.66 -22.74
C LYS A 239 -2.88 -14.47 -21.30
N CYS A 240 -1.99 -14.67 -20.33
CA CYS A 240 -2.38 -14.71 -18.91
C CYS A 240 -2.37 -13.32 -18.23
N GLN A 241 -3.50 -12.62 -18.36
CA GLN A 241 -3.77 -11.37 -17.63
C GLN A 241 -4.72 -11.64 -16.47
N HIS A 242 -4.32 -11.25 -15.26
CA HIS A 242 -5.09 -11.49 -14.03
C HIS A 242 -4.76 -10.47 -12.92
N GLU A 243 -5.72 -10.26 -12.01
CA GLU A 243 -5.60 -9.37 -10.84
C GLU A 243 -4.37 -9.62 -9.99
N ASN A 244 -4.02 -10.89 -9.81
CA ASN A 244 -2.92 -11.32 -8.96
C ASN A 244 -1.68 -11.81 -9.73
N LEU A 245 -1.51 -11.33 -10.96
CA LEU A 245 -0.29 -11.55 -11.73
C LEU A 245 0.25 -10.19 -12.12
N VAL A 246 1.57 -10.04 -12.03
CA VAL A 246 2.25 -8.83 -12.50
C VAL A 246 1.98 -8.58 -13.97
N GLU A 247 2.16 -7.33 -14.40
CA GLU A 247 1.80 -6.89 -15.75
C GLU A 247 3.05 -6.51 -16.53
N LEU A 248 3.25 -7.13 -17.69
CA LEU A 248 4.30 -6.76 -18.63
C LEU A 248 3.75 -5.68 -19.56
N LEU A 249 4.42 -4.52 -19.60
CA LEU A 249 4.04 -3.42 -20.49
C LEU A 249 4.71 -3.56 -21.84
N GLY A 250 5.94 -4.10 -21.87
CA GLY A 250 6.63 -4.33 -23.13
C GLY A 250 7.97 -5.02 -23.04
N PHE A 251 8.80 -4.78 -24.06
CA PHE A 251 10.08 -5.47 -24.23
C PHE A 251 11.01 -4.73 -25.20
N SER A 252 12.28 -5.13 -25.19
CA SER A 252 13.30 -4.56 -26.09
C SER A 252 14.25 -5.66 -26.57
N SER A 253 14.36 -5.81 -27.89
CA SER A 253 15.28 -6.77 -28.52
C SER A 253 16.39 -6.13 -29.36
N ASP A 254 16.30 -4.82 -29.59
CA ASP A 254 17.14 -4.14 -30.61
C ASP A 254 18.60 -3.92 -30.21
N GLY A 255 18.84 -3.59 -28.94
CA GLY A 255 20.19 -3.28 -28.46
C GLY A 255 21.02 -4.51 -28.11
N ASP A 256 22.04 -4.31 -27.28
CA ASP A 256 23.04 -5.34 -26.97
C ASP A 256 22.46 -6.56 -26.24
N ASP A 257 21.62 -6.31 -25.23
CA ASP A 257 20.97 -7.37 -24.46
C ASP A 257 19.46 -7.21 -24.49
N LEU A 258 18.74 -8.31 -24.30
CA LEU A 258 17.27 -8.30 -24.26
C LEU A 258 16.78 -7.68 -22.95
N CYS A 259 15.64 -6.96 -23.01
CA CYS A 259 15.04 -6.34 -21.82
C CYS A 259 13.52 -6.57 -21.76
N LEU A 260 12.97 -6.57 -20.54
CA LEU A 260 11.52 -6.68 -20.30
C LEU A 260 11.07 -5.58 -19.35
N VAL A 261 10.01 -4.86 -19.72
CA VAL A 261 9.48 -3.74 -18.93
C VAL A 261 8.11 -4.08 -18.31
N TYR A 262 7.95 -3.76 -17.02
CA TYR A 262 6.73 -4.02 -16.25
C TYR A 262 6.22 -2.76 -15.57
N VAL A 263 4.96 -2.79 -15.15
CA VAL A 263 4.43 -1.75 -14.26
C VAL A 263 5.08 -1.95 -12.88
N TYR A 264 5.79 -0.92 -12.44
CA TYR A 264 6.49 -0.91 -11.13
C TYR A 264 5.52 -1.16 -9.99
N MET A 265 5.83 -2.15 -9.14
CA MET A 265 5.04 -2.41 -7.94
C MET A 265 5.63 -1.59 -6.80
N PRO A 266 4.87 -0.62 -6.26
CA PRO A 266 5.42 0.25 -5.24
C PRO A 266 5.98 -0.43 -3.99
N ASN A 267 5.40 -1.53 -3.56
CA ASN A 267 5.83 -2.15 -2.29
C ASN A 267 6.80 -3.34 -2.43
N GLY A 268 7.34 -3.55 -3.64
CA GLY A 268 8.33 -4.59 -3.88
C GLY A 268 7.87 -5.99 -3.56
N SER A 269 8.79 -6.83 -3.05
CA SER A 269 8.54 -8.26 -2.85
C SER A 269 8.01 -8.55 -1.44
N LEU A 270 7.28 -9.66 -1.32
CA LEU A 270 6.84 -10.15 0.00
C LEU A 270 8.05 -10.42 0.91
N LEU A 271 9.13 -10.95 0.34
CA LEU A 271 10.33 -11.31 1.10
C LEU A 271 10.89 -10.09 1.81
N ASP A 272 11.11 -9.02 1.03
CA ASP A 272 11.69 -7.77 1.53
C ASP A 272 10.83 -7.08 2.59
N ARG A 273 9.52 -7.11 2.41
CA ARG A 273 8.61 -6.51 3.38
C ARG A 273 8.50 -7.33 4.65
N LEU A 274 8.62 -8.66 4.53
CA LEU A 274 8.67 -9.54 5.71
C LEU A 274 9.93 -9.33 6.55
N SER A 275 11.06 -9.08 5.88
CA SER A 275 12.31 -8.73 6.59
C SER A 275 12.47 -7.22 6.88
N CYS A 276 11.47 -6.42 6.49
CA CYS A 276 11.44 -4.96 6.69
C CYS A 276 12.64 -4.25 6.07
N LEU A 277 13.03 -4.69 4.87
CA LEU A 277 14.19 -4.14 4.17
C LEU A 277 13.98 -2.65 3.83
N ASP A 278 15.04 -1.86 4.00
CA ASP A 278 15.02 -0.39 3.84
C ASP A 278 14.11 0.34 4.85
N GLY A 279 13.85 -0.30 5.99
CA GLY A 279 13.14 0.33 7.09
C GLY A 279 11.63 0.44 6.92
N THR A 280 11.01 -0.42 6.11
CA THR A 280 9.57 -0.38 5.93
C THR A 280 8.92 -1.02 7.16
N PRO A 281 7.70 -0.58 7.53
CA PRO A 281 7.07 -1.16 8.71
C PRO A 281 6.61 -2.61 8.54
N PRO A 282 6.65 -3.39 9.62
CA PRO A 282 6.15 -4.76 9.56
C PRO A 282 4.75 -4.88 8.96
N LEU A 283 4.51 -5.94 8.21
CA LEU A 283 3.19 -6.20 7.65
C LEU A 283 2.27 -6.69 8.78
N SER A 284 1.07 -6.13 8.87
CA SER A 284 0.09 -6.60 9.86
C SER A 284 -0.43 -7.97 9.43
N TRP A 285 -1.04 -8.68 10.36
CA TRP A 285 -1.69 -9.98 10.11
C TRP A 285 -2.84 -9.88 9.11
N HIS A 286 -3.65 -8.83 9.24
CA HIS A 286 -4.73 -8.50 8.31
C HIS A 286 -4.19 -8.31 6.89
N MET A 287 -3.13 -7.54 6.75
CA MET A 287 -2.43 -7.41 5.48
C MET A 287 -1.90 -8.75 4.97
N ARG A 288 -1.33 -9.56 5.87
CA ARG A 288 -0.70 -10.85 5.49
C ARG A 288 -1.71 -11.85 4.91
N CYS A 289 -2.90 -11.91 5.55
CA CYS A 289 -3.99 -12.76 5.07
C CYS A 289 -4.47 -12.44 3.66
N LYS A 290 -4.71 -11.15 3.38
CA LYS A 290 -5.10 -10.68 2.05
C LYS A 290 -4.07 -11.11 1.01
N ILE A 291 -2.80 -11.01 1.38
CA ILE A 291 -1.70 -11.39 0.50
C ILE A 291 -1.70 -12.90 0.23
N ALA A 292 -1.91 -13.69 1.29
CA ALA A 292 -2.05 -15.15 1.15
C ALA A 292 -3.16 -15.49 0.15
N GLN A 293 -4.31 -14.85 0.30
CA GLN A 293 -5.47 -15.09 -0.58
C GLN A 293 -5.17 -14.74 -2.03
N GLY A 294 -4.66 -13.53 -2.26
CA GLY A 294 -4.28 -13.07 -3.59
C GLY A 294 -3.26 -13.94 -4.29
N ALA A 295 -2.19 -14.29 -3.59
CA ALA A 295 -1.20 -15.25 -4.10
C ALA A 295 -1.84 -16.59 -4.55
N ALA A 296 -2.75 -17.13 -3.72
CA ALA A 296 -3.47 -18.37 -4.06
C ALA A 296 -4.34 -18.16 -5.30
N ASN A 297 -5.00 -17.02 -5.38
CA ASN A 297 -5.79 -16.66 -6.56
C ASN A 297 -4.95 -16.54 -7.83
N GLY A 298 -3.74 -16.02 -7.71
CA GLY A 298 -2.80 -15.94 -8.84
C GLY A 298 -2.34 -17.32 -9.30
N ILE A 299 -2.01 -18.17 -8.33
CA ILE A 299 -1.63 -19.56 -8.60
C ILE A 299 -2.82 -20.37 -9.18
N ASN A 300 -4.03 -20.08 -8.70
CA ASN A 300 -5.21 -20.74 -9.24
C ASN A 300 -5.43 -20.44 -10.73
N PHE A 301 -5.30 -19.17 -11.10
CA PHE A 301 -5.43 -18.74 -12.50
C PHE A 301 -4.43 -19.47 -13.41
N LEU A 302 -3.18 -19.58 -12.95
CA LEU A 302 -2.12 -20.27 -13.70
C LEU A 302 -2.38 -21.77 -13.91
N HIS A 303 -2.97 -22.43 -12.90
CA HIS A 303 -3.30 -23.88 -13.00
C HIS A 303 -4.56 -24.14 -13.82
N GLU A 304 -5.56 -23.25 -13.73
CA GLU A 304 -6.73 -23.25 -14.65
C GLU A 304 -6.29 -23.18 -16.11
N ASN A 305 -5.31 -22.33 -16.39
CA ASN A 305 -4.72 -22.17 -17.72
C ASN A 305 -3.52 -23.09 -17.99
N HIS A 306 -3.42 -24.19 -17.23
CA HIS A 306 -2.48 -25.29 -17.50
C HIS A 306 -1.02 -24.85 -17.54
N HIS A 307 -0.64 -24.00 -16.58
CA HIS A 307 0.74 -23.56 -16.42
C HIS A 307 1.24 -23.97 -15.05
N ILE A 308 2.50 -24.41 -15.01
CA ILE A 308 3.22 -24.66 -13.76
C ILE A 308 4.30 -23.59 -13.67
N HIS A 309 4.40 -22.94 -12.52
CA HIS A 309 5.34 -21.82 -12.32
C HIS A 309 6.79 -22.33 -12.14
N ARG A 310 6.98 -23.32 -11.27
CA ARG A 310 8.30 -23.89 -10.92
C ARG A 310 9.24 -23.02 -10.05
N ASP A 311 8.76 -21.88 -9.57
CA ASP A 311 9.59 -21.01 -8.71
C ASP A 311 8.74 -20.09 -7.81
N ILE A 312 7.69 -20.67 -7.22
CA ILE A 312 6.89 -19.97 -6.20
C ILE A 312 7.79 -19.76 -4.97
N LYS A 313 7.96 -18.50 -4.59
CA LYS A 313 8.69 -18.09 -3.39
C LYS A 313 8.35 -16.65 -3.10
N SER A 314 8.75 -16.17 -1.92
CA SER A 314 8.35 -14.83 -1.47
C SER A 314 9.01 -13.70 -2.26
N ALA A 315 10.22 -13.95 -2.76
CA ALA A 315 10.87 -13.02 -3.71
C ALA A 315 10.07 -12.83 -4.99
N ASN A 316 9.25 -13.81 -5.38
CA ASN A 316 8.44 -13.76 -6.60
C ASN A 316 6.93 -13.52 -6.36
N ILE A 317 6.59 -12.97 -5.21
CA ILE A 317 5.27 -12.40 -4.96
C ILE A 317 5.48 -10.91 -4.71
N LEU A 318 4.99 -10.08 -5.62
CA LEU A 318 5.15 -8.61 -5.50
C LEU A 318 3.89 -7.98 -4.91
N LEU A 319 4.05 -6.77 -4.40
CA LEU A 319 3.00 -6.10 -3.65
C LEU A 319 2.75 -4.73 -4.26
N ASP A 320 1.51 -4.47 -4.68
CA ASP A 320 1.16 -3.22 -5.35
C ASP A 320 0.81 -2.11 -4.35
N GLU A 321 0.30 -0.99 -4.87
CA GLU A 321 -0.14 0.18 -4.09
C GLU A 321 -1.15 -0.07 -2.98
N ALA A 322 -1.93 -1.15 -3.08
CA ALA A 322 -2.86 -1.57 -2.02
C ALA A 322 -2.43 -2.88 -1.36
N PHE A 323 -1.15 -3.21 -1.48
CA PHE A 323 -0.60 -4.51 -1.02
C PHE A 323 -1.34 -5.73 -1.57
N THR A 324 -1.82 -5.62 -2.81
CA THR A 324 -2.37 -6.77 -3.52
C THR A 324 -1.20 -7.64 -3.97
N ALA A 325 -1.31 -8.94 -3.73
CA ALA A 325 -0.31 -9.91 -4.14
C ALA A 325 -0.32 -10.04 -5.65
N LYS A 326 0.86 -10.00 -6.25
CA LYS A 326 1.03 -10.11 -7.70
C LYS A 326 2.16 -11.10 -7.95
N ILE A 327 1.84 -12.23 -8.55
CA ILE A 327 2.85 -13.27 -8.80
C ILE A 327 3.70 -12.87 -10.00
N SER A 328 5.01 -13.10 -9.89
CA SER A 328 5.97 -12.69 -10.93
C SER A 328 6.98 -13.78 -11.28
N ASP A 329 7.85 -13.45 -12.25
CA ASP A 329 8.96 -14.29 -12.72
C ASP A 329 8.46 -15.59 -13.35
N PHE A 330 8.14 -15.54 -14.64
CA PHE A 330 7.64 -16.71 -15.41
C PHE A 330 8.67 -17.20 -16.44
N GLY A 331 9.96 -17.01 -16.15
CA GLY A 331 11.03 -17.48 -17.01
C GLY A 331 11.19 -18.99 -17.00
N LEU A 332 10.95 -19.61 -15.84
CA LEU A 332 11.08 -21.07 -15.67
C LEU A 332 9.73 -21.80 -15.69
N ALA A 333 8.70 -21.15 -16.21
CA ALA A 333 7.34 -21.72 -16.24
C ALA A 333 7.18 -22.70 -17.40
N ARG A 334 6.21 -23.59 -17.29
CA ARG A 334 5.92 -24.59 -18.34
C ARG A 334 4.43 -24.70 -18.61
N ALA A 335 4.09 -24.93 -19.87
CA ALA A 335 2.71 -25.11 -20.33
C ALA A 335 2.39 -26.60 -20.45
N SER A 336 1.11 -26.95 -20.28
CA SER A 336 0.66 -28.34 -20.36
C SER A 336 -0.85 -28.44 -20.62
N VAL A 343 5.33 -34.90 -16.40
CA VAL A 343 6.57 -35.17 -17.13
C VAL A 343 7.75 -35.15 -16.15
N MET A 344 8.86 -35.74 -16.58
CA MET A 344 10.15 -35.57 -15.92
C MET A 344 11.10 -34.81 -16.86
N SEP A 346 15.43 -33.39 -17.53
CA SEP A 346 16.88 -33.53 -17.27
CB SEP A 346 17.58 -34.13 -18.48
OG SEP A 346 17.27 -33.41 -19.66
C SEP A 346 17.55 -32.21 -16.85
O SEP A 346 18.73 -32.22 -16.49
P SEP A 346 18.00 -34.05 -20.94
O1P SEP A 346 17.56 -33.25 -22.26
O2P SEP A 346 19.59 -33.95 -20.74
O3P SEP A 346 17.57 -35.60 -21.09
N ARG A 347 16.81 -31.10 -16.91
CA ARG A 347 17.23 -29.80 -16.37
C ARG A 347 16.35 -29.48 -15.16
N ILE A 348 16.88 -29.70 -13.95
CA ILE A 348 16.17 -29.39 -12.71
C ILE A 348 16.41 -27.94 -12.35
N VAL A 349 15.34 -27.20 -12.05
CA VAL A 349 15.41 -25.77 -11.74
C VAL A 349 14.41 -25.35 -10.67
N GLY A 350 14.68 -24.18 -10.09
CA GLY A 350 13.93 -23.67 -8.96
C GLY A 350 14.89 -23.28 -7.86
N THR A 351 14.34 -23.05 -6.67
CA THR A 351 15.10 -22.56 -5.51
C THR A 351 14.95 -23.62 -4.42
N THR A 352 16.04 -24.30 -4.11
CA THR A 352 15.97 -25.58 -3.39
C THR A 352 15.25 -25.51 -2.03
N ALA A 353 15.36 -24.38 -1.34
CA ALA A 353 14.66 -24.20 -0.04
C ALA A 353 13.12 -24.20 -0.14
N TYR A 354 12.59 -24.06 -1.36
CA TYR A 354 11.15 -24.03 -1.63
C TYR A 354 10.64 -25.24 -2.43
N MET A 355 11.55 -25.98 -3.07
CA MET A 355 11.17 -27.06 -3.98
C MET A 355 10.70 -28.31 -3.25
N ALA A 356 9.72 -28.99 -3.83
CA ALA A 356 9.19 -30.26 -3.29
C ALA A 356 10.18 -31.41 -3.56
N PRO A 357 10.02 -32.54 -2.83
CA PRO A 357 10.88 -33.69 -3.07
C PRO A 357 10.91 -34.16 -4.53
N GLU A 358 9.74 -34.26 -5.16
CA GLU A 358 9.64 -34.75 -6.55
C GLU A 358 10.21 -33.77 -7.58
N ALA A 359 10.06 -32.47 -7.34
CA ALA A 359 10.68 -31.44 -8.19
C ALA A 359 12.21 -31.49 -8.12
N LEU A 360 12.75 -31.69 -6.91
CA LEU A 360 14.19 -31.93 -6.71
C LEU A 360 14.67 -33.18 -7.44
N ARG A 361 13.79 -34.17 -7.60
CA ARG A 361 14.12 -35.36 -8.38
C ARG A 361 13.96 -35.14 -9.88
N GLY A 362 13.06 -34.22 -10.26
CA GLY A 362 12.91 -33.79 -11.65
C GLY A 362 11.50 -33.84 -12.26
N GLU A 363 10.49 -34.09 -11.43
CA GLU A 363 9.10 -34.13 -11.89
C GLU A 363 8.57 -32.73 -12.14
N ILE A 364 7.86 -32.55 -13.25
CA ILE A 364 7.15 -31.31 -13.56
C ILE A 364 5.64 -31.58 -13.34
N THR A 365 5.13 -31.13 -12.19
CA THR A 365 3.71 -31.23 -11.83
C THR A 365 3.25 -29.94 -11.15
N PRO A 366 1.96 -29.56 -11.32
CA PRO A 366 1.44 -28.42 -10.55
C PRO A 366 1.36 -28.66 -9.04
N LYS A 367 1.45 -29.93 -8.62
CA LYS A 367 1.51 -30.27 -7.19
C LYS A 367 2.78 -29.74 -6.51
N SER A 368 3.88 -29.62 -7.25
CA SER A 368 5.12 -29.01 -6.74
C SER A 368 4.94 -27.53 -6.34
N ASP A 369 4.10 -26.79 -7.09
CA ASP A 369 3.80 -25.37 -6.76
C ASP A 369 3.05 -25.20 -5.43
N ILE A 370 2.24 -26.18 -5.07
CA ILE A 370 1.49 -26.17 -3.81
C ILE A 370 2.44 -26.31 -2.61
N TYR A 371 3.40 -27.24 -2.71
CA TYR A 371 4.47 -27.40 -1.71
C TYR A 371 5.18 -26.09 -1.40
N SER A 372 5.64 -25.43 -2.46
CA SER A 372 6.37 -24.16 -2.34
C SER A 372 5.53 -23.07 -1.69
N PHE A 373 4.25 -23.00 -2.08
CA PHE A 373 3.30 -22.09 -1.42
C PHE A 373 3.15 -22.40 0.07
N GLY A 374 3.26 -23.68 0.44
CA GLY A 374 3.34 -24.10 1.83
C GLY A 374 4.45 -23.41 2.58
N VAL A 375 5.64 -23.39 2.01
CA VAL A 375 6.79 -22.68 2.60
C VAL A 375 6.56 -21.17 2.66
N VAL A 376 6.01 -20.60 1.59
CA VAL A 376 5.71 -19.15 1.54
C VAL A 376 4.74 -18.74 2.66
N LEU A 377 3.73 -19.59 2.92
CA LEU A 377 2.80 -19.40 4.04
C LEU A 377 3.49 -19.47 5.38
N LEU A 378 4.49 -20.35 5.53
CA LEU A 378 5.28 -20.39 6.77
C LEU A 378 6.10 -19.11 6.95
N GLU A 379 6.58 -18.53 5.84
CA GLU A 379 7.29 -17.23 5.91
C GLU A 379 6.36 -16.13 6.37
N ILE A 380 5.11 -16.15 5.92
CA ILE A 380 4.10 -15.15 6.30
C ILE A 380 3.76 -15.26 7.79
N ILE A 381 3.58 -16.49 8.30
CA ILE A 381 3.25 -16.70 9.72
C ILE A 381 4.42 -16.27 10.61
N THR A 382 5.65 -16.58 10.18
CA THR A 382 6.85 -16.44 11.02
C THR A 382 7.76 -15.25 10.72
N GLY A 383 7.59 -14.62 9.55
CA GLY A 383 8.55 -13.62 9.05
C GLY A 383 9.99 -14.09 8.96
N LEU A 384 10.21 -15.40 8.85
CA LEU A 384 11.55 -15.98 8.78
C LEU A 384 11.77 -16.32 7.33
N PRO A 385 13.00 -16.14 6.82
CA PRO A 385 13.27 -16.59 5.45
C PRO A 385 13.29 -18.12 5.36
N ALA A 386 12.90 -18.67 4.20
CA ALA A 386 12.92 -20.13 3.92
C ALA A 386 14.22 -20.84 4.29
N VAL A 387 15.33 -20.12 4.15
CA VAL A 387 16.66 -20.61 4.55
C VAL A 387 17.45 -19.52 5.29
N ASP A 388 18.18 -19.94 6.32
CA ASP A 388 19.10 -19.07 7.07
C ASP A 388 20.16 -19.98 7.70
N GLU A 389 21.42 -19.81 7.32
CA GLU A 389 22.52 -20.65 7.84
C GLU A 389 22.89 -20.36 9.30
N HIS A 390 22.47 -19.19 9.80
CA HIS A 390 22.65 -18.80 11.20
C HIS A 390 21.35 -19.05 11.96
N ARG A 391 20.85 -20.28 11.87
CA ARG A 391 19.55 -20.66 12.47
C ARG A 391 19.40 -22.17 12.52
N GLU A 392 18.71 -22.63 13.56
CA GLU A 392 18.37 -24.04 13.73
C GLU A 392 16.85 -24.10 13.95
N PRO A 393 16.09 -24.75 13.05
CA PRO A 393 16.51 -25.42 11.82
C PRO A 393 16.92 -24.43 10.73
N GLN A 394 17.88 -24.83 9.91
CA GLN A 394 18.40 -23.97 8.84
C GLN A 394 17.33 -23.75 7.77
N LEU A 395 16.51 -24.79 7.53
CA LEU A 395 15.41 -24.73 6.56
C LEU A 395 14.09 -24.60 7.29
N LEU A 396 13.29 -23.61 6.89
CA LEU A 396 12.02 -23.30 7.54
C LEU A 396 10.98 -24.43 7.47
N LEU A 397 11.03 -25.24 6.42
CA LEU A 397 10.08 -26.36 6.27
C LEU A 397 10.24 -27.44 7.36
N ASP A 398 11.43 -27.50 7.98
CA ASP A 398 11.68 -28.37 9.12
C ASP A 398 10.91 -28.03 10.42
N ILE A 399 10.37 -26.80 10.55
CA ILE A 399 9.57 -26.47 11.74
C ILE A 399 8.27 -27.29 11.81
N LYS A 400 7.73 -27.65 10.64
CA LYS A 400 6.58 -28.56 10.55
C LYS A 400 6.77 -29.82 11.39
N GLU A 401 7.98 -30.38 11.35
CA GLU A 401 8.30 -31.59 12.11
C GLU A 401 8.49 -31.29 13.60
N GLU A 402 9.09 -30.14 13.92
CA GLU A 402 9.16 -29.66 15.32
C GLU A 402 7.79 -29.46 15.97
N ILE A 403 6.82 -28.99 15.20
CA ILE A 403 5.46 -28.77 15.71
C ILE A 403 4.70 -30.10 15.86
N GLU A 404 4.80 -30.99 14.87
CA GLU A 404 4.12 -32.30 14.94
C GLU A 404 4.62 -33.19 16.10
N ASP A 405 5.91 -33.14 16.38
CA ASP A 405 6.50 -33.87 17.52
C ASP A 405 6.27 -33.19 18.89
N GLU A 406 5.60 -32.03 18.89
CA GLU A 406 5.22 -31.28 20.10
C GLU A 406 6.41 -30.73 20.91
N GLU A 407 7.55 -30.53 20.24
CA GLU A 407 8.70 -29.87 20.87
C GLU A 407 8.40 -28.38 21.02
N LYS A 408 7.82 -27.79 19.97
CA LYS A 408 7.38 -26.41 19.94
C LYS A 408 5.98 -26.32 19.36
N THR A 409 5.32 -25.17 19.54
CA THR A 409 4.01 -24.89 18.96
C THR A 409 4.15 -23.85 17.83
N ILE A 410 3.10 -23.70 17.03
CA ILE A 410 3.06 -22.65 16.01
C ILE A 410 3.09 -21.25 16.66
N GLU A 411 2.37 -21.11 17.78
CA GLU A 411 2.39 -19.87 18.60
C GLU A 411 3.79 -19.43 19.05
N ASP A 412 4.70 -20.39 19.24
CA ASP A 412 6.11 -20.08 19.55
C ASP A 412 6.87 -19.51 18.34
N TYR A 413 6.41 -19.79 17.12
CA TYR A 413 7.06 -19.29 15.87
C TYR A 413 6.39 -18.07 15.22
N ILE A 414 5.20 -17.69 15.70
CA ILE A 414 4.49 -16.48 15.20
C ILE A 414 5.42 -15.26 15.19
N ASP A 415 5.37 -14.50 14.10
CA ASP A 415 6.21 -13.32 13.95
C ASP A 415 5.86 -12.31 15.05
N LYS A 416 6.81 -12.01 15.92
CA LYS A 416 6.60 -11.09 17.03
C LYS A 416 6.48 -9.62 16.61
N LYS A 417 6.75 -9.32 15.34
CA LYS A 417 6.61 -7.95 14.80
C LYS A 417 5.19 -7.62 14.30
N MET A 418 4.20 -8.35 14.81
CA MET A 418 2.78 -8.08 14.54
C MET A 418 2.11 -7.81 15.87
N ASN A 419 1.11 -6.94 15.86
CA ASN A 419 0.30 -6.62 17.06
C ASN A 419 -1.17 -7.06 16.95
N ASP A 420 -1.52 -7.74 15.85
CA ASP A 420 -2.90 -8.04 15.48
C ASP A 420 -3.16 -9.50 15.07
N ALA A 421 -2.21 -10.40 15.30
CA ALA A 421 -2.41 -11.83 15.03
C ALA A 421 -3.29 -12.40 16.13
N ASP A 422 -4.19 -13.31 15.77
CA ASP A 422 -4.91 -14.16 16.74
C ASP A 422 -4.63 -15.64 16.47
N SER A 423 -4.81 -16.46 17.51
CA SER A 423 -4.47 -17.89 17.49
C SER A 423 -5.21 -18.68 16.43
N THR A 424 -6.53 -18.53 16.40
CA THR A 424 -7.40 -19.34 15.54
C THR A 424 -7.07 -19.21 14.06
N SER A 425 -7.05 -17.98 13.56
CA SER A 425 -6.76 -17.74 12.15
C SER A 425 -5.32 -18.12 11.79
N VAL A 426 -4.37 -17.86 12.69
CA VAL A 426 -2.97 -18.32 12.50
C VAL A 426 -2.89 -19.86 12.41
N GLU A 427 -3.51 -20.55 13.36
CA GLU A 427 -3.61 -22.02 13.31
C GLU A 427 -4.30 -22.50 12.03
N ALA A 428 -5.35 -21.77 11.61
CA ALA A 428 -6.02 -22.00 10.33
C ALA A 428 -5.07 -21.91 9.12
N MET A 429 -4.24 -20.87 9.08
CA MET A 429 -3.28 -20.71 7.96
C MET A 429 -2.18 -21.76 8.03
N TYR A 430 -1.70 -22.07 9.24
CA TYR A 430 -0.70 -23.11 9.44
C TYR A 430 -1.23 -24.50 9.03
N SER A 431 -2.50 -24.76 9.27
CA SER A 431 -3.14 -26.00 8.79
C SER A 431 -3.08 -26.11 7.26
N VAL A 432 -3.36 -25.01 6.57
CA VAL A 432 -3.24 -24.94 5.10
C VAL A 432 -1.78 -25.13 4.68
N ALA A 433 -0.86 -24.49 5.41
CA ALA A 433 0.58 -24.67 5.19
C ALA A 433 1.02 -26.13 5.36
N SER A 434 0.54 -26.77 6.43
CA SER A 434 0.90 -28.15 6.78
C SER A 434 0.42 -29.15 5.73
N GLN A 435 -0.84 -29.03 5.32
CA GLN A 435 -1.38 -29.85 4.23
C GLN A 435 -0.62 -29.64 2.90
N CYS A 436 -0.25 -28.40 2.58
CA CYS A 436 0.57 -28.11 1.39
C CYS A 436 1.95 -28.81 1.40
N LEU A 437 2.54 -28.94 2.59
CA LEU A 437 3.89 -29.48 2.77
C LEU A 437 3.96 -31.00 2.96
N HIS A 438 2.89 -31.71 2.58
CA HIS A 438 2.92 -33.17 2.57
C HIS A 438 3.97 -33.62 1.55
N GLU A 439 4.79 -34.60 1.90
CA GLU A 439 5.88 -35.06 1.02
C GLU A 439 5.39 -35.91 -0.15
N LYS A 440 4.25 -36.57 0.02
CA LYS A 440 3.59 -37.33 -1.05
C LYS A 440 2.66 -36.43 -1.88
N LYS A 441 3.01 -36.20 -3.13
CA LYS A 441 2.34 -35.19 -4.00
C LYS A 441 0.82 -35.34 -4.18
N ASN A 442 0.33 -36.58 -4.18
CA ASN A 442 -1.12 -36.84 -4.37
C ASN A 442 -1.98 -36.59 -3.13
N LYS A 443 -1.36 -36.46 -1.95
CA LYS A 443 -2.07 -36.19 -0.68
C LYS A 443 -2.21 -34.70 -0.37
N ARG A 444 -1.43 -33.87 -1.06
CA ARG A 444 -1.55 -32.42 -0.96
C ARG A 444 -2.88 -31.96 -1.58
N PRO A 445 -3.45 -30.85 -1.07
CA PRO A 445 -4.63 -30.28 -1.71
C PRO A 445 -4.31 -29.56 -2.99
N ASP A 446 -5.26 -29.54 -3.93
CA ASP A 446 -5.14 -28.71 -5.13
C ASP A 446 -5.38 -27.23 -4.76
N ILE A 447 -5.04 -26.34 -5.69
CA ILE A 447 -5.08 -24.89 -5.43
C ILE A 447 -6.47 -24.34 -5.07
N LYS A 448 -7.51 -24.93 -5.67
CA LYS A 448 -8.90 -24.53 -5.40
C LYS A 448 -9.31 -24.85 -3.95
N LYS A 449 -8.78 -25.94 -3.41
CA LYS A 449 -9.00 -26.31 -2.00
C LYS A 449 -8.25 -25.34 -1.08
N VAL A 450 -6.99 -25.05 -1.42
CA VAL A 450 -6.17 -24.09 -0.66
C VAL A 450 -6.81 -22.70 -0.63
N GLN A 451 -7.26 -22.25 -1.80
CA GLN A 451 -8.04 -21.03 -1.95
C GLN A 451 -9.35 -21.07 -1.12
N GLN A 452 -10.08 -22.18 -1.19
CA GLN A 452 -11.30 -22.34 -0.37
C GLN A 452 -11.00 -22.34 1.14
N LEU A 453 -9.90 -23.00 1.53
CA LEU A 453 -9.50 -23.07 2.94
C LEU A 453 -9.11 -21.69 3.52
N LEU A 454 -8.43 -20.89 2.70
CA LEU A 454 -8.01 -19.54 3.08
C LEU A 454 -9.17 -18.53 3.11
N GLN A 455 -10.21 -18.75 2.33
CA GLN A 455 -11.44 -17.93 2.41
C GLN A 455 -12.21 -18.23 3.71
N GLU A 456 -12.31 -19.51 4.06
CA GLU A 456 -12.94 -19.93 5.33
C GLU A 456 -12.22 -19.38 6.56
N MET A 457 -10.93 -19.07 6.41
CA MET A 457 -10.12 -18.43 7.45
C MET A 457 -10.65 -17.03 7.81
N THR A 458 -10.78 -16.16 6.81
CA THR A 458 -11.25 -14.78 7.02
C THR A 458 -12.76 -14.71 7.31
N ALA A 459 -13.54 -15.59 6.69
CA ALA A 459 -14.99 -15.65 6.93
C ALA A 459 -15.29 -16.32 8.27
N ARG B 164 -14.17 -8.13 0.85
CA ARG B 164 -15.51 -7.73 1.34
C ARG B 164 -15.48 -7.37 2.84
N PHE B 165 -16.47 -6.59 3.26
CA PHE B 165 -16.52 -6.08 4.64
C PHE B 165 -17.26 -7.01 5.59
N HIS B 166 -16.84 -7.00 6.85
CA HIS B 166 -17.52 -7.74 7.92
C HIS B 166 -18.72 -6.94 8.43
N SER B 167 -19.79 -7.65 8.79
CA SER B 167 -20.98 -7.03 9.38
C SER B 167 -21.02 -7.30 10.88
N PHE B 168 -20.74 -6.27 11.68
CA PHE B 168 -20.82 -6.36 13.14
C PHE B 168 -22.26 -6.17 13.62
N SER B 169 -22.56 -6.76 14.77
CA SER B 169 -23.74 -6.38 15.56
C SER B 169 -23.38 -5.15 16.38
N PHE B 170 -24.40 -4.43 16.85
CA PHE B 170 -24.18 -3.16 17.54
C PHE B 170 -23.59 -3.33 18.95
N TYR B 171 -24.02 -4.37 19.66
CA TYR B 171 -23.56 -4.60 21.05
C TYR B 171 -22.09 -5.00 21.12
N GLU B 172 -21.64 -5.87 20.22
CA GLU B 172 -20.22 -6.24 20.17
C GLU B 172 -19.31 -5.03 19.92
N LEU B 173 -19.86 -3.96 19.34
CA LEU B 173 -19.21 -2.63 19.33
C LEU B 173 -19.49 -1.79 20.61
N LYS B 174 -20.66 -1.99 21.23
CA LYS B 174 -20.98 -1.31 22.50
C LYS B 174 -20.01 -1.67 23.63
N ASN B 175 -19.71 -2.95 23.79
CA ASN B 175 -18.79 -3.41 24.84
C ASN B 175 -17.33 -3.02 24.55
N VAL B 176 -16.92 -3.24 23.31
CA VAL B 176 -15.52 -3.03 22.89
C VAL B 176 -15.01 -1.59 23.13
N THR B 177 -15.88 -0.61 22.92
CA THR B 177 -15.54 0.82 23.10
C THR B 177 -15.64 1.32 24.56
N ASN B 178 -15.89 0.40 25.50
CA ASN B 178 -16.20 0.74 26.90
C ASN B 178 -17.54 1.49 27.01
N ASN B 179 -18.57 0.90 26.40
CA ASN B 179 -19.95 1.44 26.40
C ASN B 179 -20.10 2.77 25.65
N PHE B 180 -19.31 2.93 24.58
CA PHE B 180 -19.20 4.19 23.83
C PHE B 180 -18.84 5.36 24.75
N ASP B 181 -17.68 5.22 25.40
CA ASP B 181 -17.16 6.21 26.34
C ASP B 181 -16.77 7.50 25.60
N GLU B 182 -17.46 8.60 25.92
CA GLU B 182 -17.26 9.90 25.26
C GLU B 182 -16.29 10.84 26.00
N ARG B 183 -15.21 10.27 26.56
CA ARG B 183 -14.16 11.03 27.25
C ARG B 183 -12.77 10.55 26.75
N PRO B 184 -11.72 11.38 26.92
CA PRO B 184 -10.37 10.99 26.48
C PRO B 184 -9.60 10.21 27.54
N ILE B 185 -8.32 9.93 27.28
CA ILE B 185 -7.43 9.27 28.25
C ILE B 185 -7.01 10.25 29.34
N GLY B 188 -9.48 9.16 31.09
CA GLY B 188 -10.47 8.24 31.64
C GLY B 188 -11.56 7.82 30.67
N GLY B 189 -11.17 7.50 29.44
CA GLY B 189 -12.13 7.10 28.40
C GLY B 189 -11.54 6.74 27.04
N ASN B 190 -12.43 6.63 26.04
CA ASN B 190 -12.11 6.09 24.69
C ASN B 190 -12.40 7.05 23.50
N LYS B 191 -12.59 8.34 23.75
CA LYS B 191 -12.87 9.31 22.66
C LYS B 191 -11.56 9.78 22.03
N MET B 192 -11.37 9.43 20.77
CA MET B 192 -10.17 9.82 20.00
C MET B 192 -10.29 11.27 19.53
N GLY B 193 -11.50 11.66 19.13
CA GLY B 193 -11.82 13.04 18.74
C GLY B 193 -13.17 13.12 18.07
N GLU B 194 -13.42 14.23 17.35
CA GLU B 194 -14.70 14.49 16.68
C GLU B 194 -14.50 14.68 15.18
N GLY B 195 -15.23 13.91 14.37
CA GLY B 195 -15.06 13.88 12.92
C GLY B 195 -16.26 14.35 12.11
N GLY B 196 -16.40 13.79 10.91
CA GLY B 196 -17.51 14.11 10.00
C GLY B 196 -18.85 13.53 10.44
N PHE B 197 -18.81 12.29 10.93
CA PHE B 197 -19.99 11.61 11.48
C PHE B 197 -20.02 11.66 13.01
N GLY B 198 -19.68 12.83 13.57
CA GLY B 198 -19.56 12.98 15.03
C GLY B 198 -18.36 12.28 15.63
N VAL B 199 -18.53 11.75 16.84
CA VAL B 199 -17.43 11.22 17.64
C VAL B 199 -16.92 9.87 17.14
N VAL B 200 -15.61 9.66 17.22
CA VAL B 200 -14.97 8.39 16.88
C VAL B 200 -14.38 7.77 18.13
N TYR B 201 -14.55 6.45 18.28
CA TYR B 201 -14.16 5.74 19.49
C TYR B 201 -13.10 4.68 19.21
N LYS B 202 -12.20 4.51 20.18
CA LYS B 202 -11.17 3.46 20.14
C LYS B 202 -11.73 2.18 20.75
N GLY B 203 -11.36 1.04 20.17
CA GLY B 203 -11.73 -0.28 20.69
C GLY B 203 -10.88 -1.40 20.10
N TYR B 204 -10.92 -2.57 20.74
CA TYR B 204 -10.18 -3.77 20.30
C TYR B 204 -11.10 -4.94 19.96
N VAL B 205 -11.16 -5.30 18.67
CA VAL B 205 -11.88 -6.48 18.19
C VAL B 205 -10.91 -7.63 17.91
N ASN B 206 -10.68 -8.48 18.92
CA ASN B 206 -9.85 -9.69 18.79
C ASN B 206 -8.40 -9.35 18.36
N ASN B 207 -7.62 -8.81 19.30
CA ASN B 207 -6.25 -8.34 19.05
C ASN B 207 -6.07 -7.19 18.04
N THR B 208 -7.11 -6.82 17.28
CA THR B 208 -7.04 -5.79 16.24
C THR B 208 -7.55 -4.46 16.79
N THR B 209 -6.72 -3.43 16.78
CA THR B 209 -7.12 -2.11 17.24
C THR B 209 -7.89 -1.41 16.12
N VAL B 210 -9.09 -0.93 16.45
CA VAL B 210 -10.01 -0.37 15.48
C VAL B 210 -10.43 1.04 15.84
N ALA B 211 -10.95 1.75 14.85
CA ALA B 211 -11.55 3.06 15.02
C ALA B 211 -13.01 2.87 14.66
N VAL B 212 -13.91 3.07 15.64
CA VAL B 212 -15.34 2.89 15.46
C VAL B 212 -16.02 4.27 15.34
N LYS B 213 -16.64 4.51 14.18
CA LYS B 213 -17.33 5.78 13.90
C LYS B 213 -18.83 5.58 14.18
N LYS B 214 -19.34 6.23 15.23
CA LYS B 214 -20.78 6.20 15.56
C LYS B 214 -21.47 7.42 14.97
N LEU B 215 -22.33 7.19 13.97
CA LEU B 215 -22.97 8.28 13.23
C LEU B 215 -24.04 8.99 14.07
N LEU B 226 -27.29 11.94 6.92
CA LEU B 226 -26.40 11.06 7.67
C LEU B 226 -26.38 9.64 7.11
N LYS B 227 -27.57 9.12 6.80
CA LYS B 227 -27.71 7.82 6.12
C LYS B 227 -27.18 7.86 4.67
N GLN B 228 -27.28 9.02 4.02
CA GLN B 228 -26.74 9.21 2.67
C GLN B 228 -25.21 9.15 2.65
N GLN B 229 -24.58 9.78 3.63
CA GLN B 229 -23.12 9.77 3.79
C GLN B 229 -22.56 8.42 4.25
N PHE B 230 -23.40 7.62 4.94
CA PHE B 230 -23.05 6.25 5.36
C PHE B 230 -22.90 5.33 4.14
N ASP B 231 -23.89 5.35 3.25
CA ASP B 231 -23.87 4.54 2.03
C ASP B 231 -22.75 4.96 1.06
N GLN B 232 -22.42 6.25 1.01
CA GLN B 232 -21.35 6.75 0.14
C GLN B 232 -19.97 6.32 0.65
N GLU B 233 -19.75 6.45 1.96
CA GLU B 233 -18.52 5.95 2.62
C GLU B 233 -18.28 4.47 2.34
N ILE B 234 -19.33 3.65 2.42
CA ILE B 234 -19.23 2.21 2.15
C ILE B 234 -19.02 1.93 0.66
N LYS B 235 -19.83 2.56 -0.20
CA LYS B 235 -19.70 2.41 -1.65
C LYS B 235 -18.31 2.80 -2.16
N VAL B 236 -17.81 3.93 -1.68
CA VAL B 236 -16.47 4.41 -2.05
C VAL B 236 -15.38 3.43 -1.59
N MET B 237 -15.44 3.03 -0.32
CA MET B 237 -14.37 2.21 0.28
C MET B 237 -14.34 0.75 -0.15
N ALA B 238 -15.48 0.22 -0.61
CA ALA B 238 -15.52 -1.12 -1.19
C ALA B 238 -14.67 -1.14 -2.45
N LYS B 239 -14.92 -0.20 -3.35
CA LYS B 239 -14.20 -0.11 -4.62
C LYS B 239 -12.77 0.46 -4.51
N CYS B 240 -12.50 1.26 -3.47
CA CYS B 240 -11.25 2.05 -3.41
C CYS B 240 -10.32 1.66 -2.24
N GLN B 241 -9.32 0.81 -2.55
CA GLN B 241 -8.25 0.41 -1.63
C GLN B 241 -6.90 0.97 -2.06
N HIS B 242 -6.14 1.51 -1.12
CA HIS B 242 -4.85 2.12 -1.41
C HIS B 242 -4.08 2.41 -0.11
N GLU B 243 -2.76 2.30 -0.17
CA GLU B 243 -1.82 2.66 0.94
C GLU B 243 -2.08 4.03 1.62
N ASN B 244 -2.59 5.00 0.87
CA ASN B 244 -2.89 6.33 1.39
C ASN B 244 -4.39 6.62 1.48
N LEU B 245 -5.20 5.57 1.61
CA LEU B 245 -6.60 5.71 2.00
C LEU B 245 -6.79 4.88 3.25
N VAL B 246 -7.53 5.40 4.22
CA VAL B 246 -7.88 4.64 5.42
C VAL B 246 -8.60 3.39 4.98
N GLU B 247 -8.48 2.34 5.78
CA GLU B 247 -9.09 1.06 5.42
C GLU B 247 -10.31 0.81 6.31
N LEU B 248 -11.46 0.61 5.69
CA LEU B 248 -12.70 0.19 6.40
C LEU B 248 -12.67 -1.31 6.53
N LEU B 249 -12.87 -1.80 7.76
CA LEU B 249 -12.92 -3.25 8.02
C LEU B 249 -14.36 -3.76 8.00
N GLY B 250 -15.27 -3.01 8.63
CA GLY B 250 -16.69 -3.39 8.67
C GLY B 250 -17.65 -2.31 9.10
N PHE B 251 -18.93 -2.68 9.20
CA PHE B 251 -20.00 -1.77 9.63
C PHE B 251 -21.04 -2.51 10.49
N SER B 252 -22.04 -1.75 10.98
CA SER B 252 -23.15 -2.32 11.74
C SER B 252 -24.45 -1.52 11.48
N SER B 253 -25.31 -2.07 10.62
CA SER B 253 -26.61 -1.46 10.29
C SER B 253 -27.80 -2.08 11.04
N ASP B 254 -27.53 -3.09 11.88
CA ASP B 254 -28.58 -3.85 12.57
C ASP B 254 -29.18 -3.12 13.76
N GLY B 255 -28.33 -2.47 14.56
CA GLY B 255 -28.74 -1.85 15.83
C GLY B 255 -29.45 -0.51 15.73
N ASP B 256 -29.29 0.30 16.77
CA ASP B 256 -29.99 1.59 16.89
C ASP B 256 -29.41 2.65 15.94
N ASP B 257 -28.08 2.69 15.83
CA ASP B 257 -27.36 3.64 14.98
C ASP B 257 -26.38 2.95 14.05
N LEU B 258 -26.12 3.56 12.90
CA LEU B 258 -25.18 3.04 11.91
C LEU B 258 -23.72 3.30 12.34
N CYS B 259 -22.91 2.24 12.39
CA CYS B 259 -21.48 2.32 12.77
C CYS B 259 -20.57 1.98 11.60
N LEU B 260 -19.43 2.66 11.52
CA LEU B 260 -18.36 2.34 10.57
C LEU B 260 -17.11 1.95 11.37
N VAL B 261 -16.46 0.86 10.99
CA VAL B 261 -15.31 0.32 11.73
C VAL B 261 -14.07 0.19 10.82
N TYR B 262 -12.97 0.83 11.23
CA TYR B 262 -11.74 0.98 10.42
C TYR B 262 -10.52 0.49 11.18
N VAL B 263 -9.48 0.08 10.44
CA VAL B 263 -8.16 -0.15 11.03
C VAL B 263 -7.67 1.15 11.67
N TYR B 264 -7.26 1.06 12.93
CA TYR B 264 -6.84 2.20 13.74
C TYR B 264 -5.50 2.74 13.25
N MET B 265 -5.38 4.07 13.22
CA MET B 265 -4.18 4.78 12.75
C MET B 265 -3.43 5.34 13.95
N PRO B 266 -2.26 4.75 14.31
CA PRO B 266 -1.63 5.10 15.60
C PRO B 266 -1.28 6.57 15.87
N ASN B 267 -1.00 7.37 14.84
CA ASN B 267 -0.61 8.78 15.02
C ASN B 267 -1.67 9.83 14.69
N GLY B 268 -2.94 9.42 14.61
CA GLY B 268 -4.08 10.32 14.42
C GLY B 268 -3.99 11.25 13.24
N SER B 269 -4.63 12.43 13.35
CA SER B 269 -4.74 13.37 12.23
C SER B 269 -3.50 14.27 12.11
N LEU B 270 -3.20 14.67 10.87
CA LEU B 270 -2.15 15.65 10.59
C LEU B 270 -2.38 16.97 11.33
N LEU B 271 -3.64 17.41 11.43
CA LEU B 271 -3.97 18.66 12.14
C LEU B 271 -3.46 18.63 13.57
N ASP B 272 -3.80 17.55 14.28
CA ASP B 272 -3.40 17.35 15.65
C ASP B 272 -1.87 17.26 15.85
N ARG B 273 -1.18 16.63 14.89
CA ARG B 273 0.28 16.47 15.00
C ARG B 273 1.04 17.76 14.70
N LEU B 274 0.51 18.57 13.79
CA LEU B 274 1.02 19.93 13.56
C LEU B 274 0.89 20.83 14.79
N SER B 275 -0.19 20.65 15.55
CA SER B 275 -0.41 21.41 16.79
C SER B 275 0.20 20.78 18.06
N CYS B 276 0.83 19.62 17.89
CA CYS B 276 1.44 18.86 18.97
C CYS B 276 0.45 18.52 20.09
N LEU B 277 -0.76 18.14 19.68
CA LEU B 277 -1.85 17.88 20.60
C LEU B 277 -1.51 16.65 21.45
N ASP B 278 -1.81 16.76 22.74
CA ASP B 278 -1.49 15.75 23.77
C ASP B 278 0.02 15.45 23.90
N GLY B 279 0.86 16.42 23.53
CA GLY B 279 2.29 16.38 23.82
C GLY B 279 3.17 15.53 22.91
N THR B 280 2.69 15.26 21.70
CA THR B 280 3.47 14.49 20.72
C THR B 280 4.50 15.45 20.15
N PRO B 281 5.74 14.97 19.88
CA PRO B 281 6.79 15.87 19.35
C PRO B 281 6.47 16.51 18.00
N PRO B 282 7.07 17.67 17.69
CA PRO B 282 6.92 18.27 16.37
C PRO B 282 7.40 17.35 15.25
N LEU B 283 6.74 17.44 14.09
CA LEU B 283 7.08 16.63 12.94
C LEU B 283 8.30 17.27 12.26
N SER B 284 9.30 16.44 11.97
CA SER B 284 10.48 16.90 11.27
C SER B 284 10.07 17.31 9.87
N TRP B 285 10.87 18.15 9.23
CA TRP B 285 10.66 18.48 7.82
C TRP B 285 10.68 17.24 6.92
N HIS B 286 11.58 16.30 7.23
CA HIS B 286 11.67 15.02 6.51
C HIS B 286 10.34 14.29 6.51
N MET B 287 9.73 14.13 7.69
N MET B 287 9.76 14.14 7.71
CA MET B 287 8.43 13.46 7.78
CA MET B 287 8.44 13.52 7.92
C MET B 287 7.32 14.25 7.10
C MET B 287 7.35 14.26 7.13
N ARG B 288 7.39 15.59 7.16
CA ARG B 288 6.40 16.45 6.47
C ARG B 288 6.37 16.32 4.94
N CYS B 289 7.55 16.20 4.35
CA CYS B 289 7.68 15.90 2.91
C CYS B 289 7.06 14.55 2.55
N LYS B 290 7.30 13.52 3.36
CA LYS B 290 6.70 12.18 3.16
C LYS B 290 5.17 12.20 3.26
N ILE B 291 4.64 13.02 4.16
CA ILE B 291 3.19 13.16 4.36
C ILE B 291 2.52 13.87 3.18
N ALA B 292 3.19 14.87 2.61
CA ALA B 292 2.67 15.62 1.47
C ALA B 292 2.60 14.74 0.24
N GLN B 293 3.72 14.05 -0.03
CA GLN B 293 3.78 13.05 -1.10
C GLN B 293 2.65 11.99 -0.96
N GLY B 294 2.55 11.36 0.19
CA GLY B 294 1.54 10.32 0.44
C GLY B 294 0.10 10.80 0.29
N ALA B 295 -0.19 11.95 0.89
CA ALA B 295 -1.47 12.62 0.76
C ALA B 295 -1.88 12.78 -0.72
N ALA B 296 -0.98 13.36 -1.50
CA ALA B 296 -1.15 13.58 -2.94
C ALA B 296 -1.36 12.28 -3.72
N ASN B 297 -0.68 11.21 -3.29
CA ASN B 297 -0.90 9.87 -3.86
C ASN B 297 -2.31 9.36 -3.67
N GLY B 298 -2.85 9.56 -2.47
CA GLY B 298 -4.21 9.16 -2.16
C GLY B 298 -5.23 9.94 -2.98
N ILE B 299 -4.99 11.25 -3.11
CA ILE B 299 -5.85 12.12 -3.91
C ILE B 299 -5.74 11.74 -5.40
N ASN B 300 -4.52 11.53 -5.90
CA ASN B 300 -4.35 11.07 -7.29
C ASN B 300 -5.11 9.78 -7.57
N PHE B 301 -5.15 8.87 -6.58
CA PHE B 301 -5.87 7.61 -6.70
C PHE B 301 -7.38 7.81 -6.82
N LEU B 302 -7.93 8.75 -6.04
CA LEU B 302 -9.36 9.12 -6.14
C LEU B 302 -9.68 9.78 -7.48
N HIS B 303 -8.84 10.74 -7.90
CA HIS B 303 -9.02 11.42 -9.19
C HIS B 303 -8.77 10.49 -10.39
N GLU B 304 -7.90 9.50 -10.24
CA GLU B 304 -7.74 8.45 -11.26
C GLU B 304 -9.02 7.63 -11.47
N ASN B 305 -9.73 7.37 -10.37
CA ASN B 305 -10.98 6.60 -10.38
C ASN B 305 -12.24 7.48 -10.37
N HIS B 306 -12.09 8.73 -10.81
CA HIS B 306 -13.20 9.65 -11.06
C HIS B 306 -14.06 9.94 -9.82
N HIS B 307 -13.40 10.08 -8.68
CA HIS B 307 -14.04 10.48 -7.43
C HIS B 307 -13.56 11.88 -7.02
N ILE B 308 -14.47 12.66 -6.43
CA ILE B 308 -14.16 13.97 -5.87
C ILE B 308 -14.45 13.91 -4.37
N HIS B 309 -13.47 14.28 -3.56
CA HIS B 309 -13.53 14.13 -2.10
C HIS B 309 -14.46 15.14 -1.44
N ARG B 310 -14.24 16.43 -1.75
CA ARG B 310 -15.07 17.57 -1.28
C ARG B 310 -14.83 18.03 0.17
N ASP B 311 -13.85 17.43 0.83
CA ASP B 311 -13.56 17.76 2.23
C ASP B 311 -12.09 17.42 2.57
N ILE B 312 -11.17 17.80 1.67
CA ILE B 312 -9.74 17.66 1.90
C ILE B 312 -9.30 18.72 2.87
N LYS B 313 -8.77 18.28 4.02
CA LYS B 313 -8.21 19.13 5.06
C LYS B 313 -7.36 18.27 5.98
N SER B 314 -6.58 18.90 6.85
CA SER B 314 -5.61 18.16 7.66
C SER B 314 -6.22 17.26 8.75
N ALA B 315 -7.46 17.52 9.14
CA ALA B 315 -8.24 16.65 10.03
C ALA B 315 -8.64 15.33 9.37
N ASN B 316 -8.61 15.29 8.03
CA ASN B 316 -8.96 14.10 7.26
C ASN B 316 -7.75 13.44 6.59
N ILE B 317 -6.56 13.87 6.97
CA ILE B 317 -5.34 13.17 6.63
C ILE B 317 -4.81 12.53 7.91
N LEU B 318 -4.95 11.21 8.00
CA LEU B 318 -4.52 10.44 9.17
C LEU B 318 -3.10 9.91 8.99
N LEU B 319 -2.49 9.46 10.08
CA LEU B 319 -1.08 9.05 10.11
C LEU B 319 -0.91 7.73 10.84
N ASP B 320 -0.26 6.76 10.20
CA ASP B 320 -0.02 5.46 10.81
C ASP B 320 1.26 5.51 11.68
N GLU B 321 1.65 4.36 12.21
CA GLU B 321 2.87 4.24 13.01
C GLU B 321 4.16 4.74 12.33
N ALA B 322 4.23 4.63 11.01
CA ALA B 322 5.37 5.14 10.22
C ALA B 322 5.16 6.54 9.64
N PHE B 323 4.06 7.20 10.02
CA PHE B 323 3.67 8.50 9.45
C PHE B 323 3.42 8.45 7.94
N THR B 324 2.89 7.34 7.46
CA THR B 324 2.30 7.27 6.14
C THR B 324 0.96 8.01 6.19
N ALA B 325 0.75 8.93 5.24
CA ALA B 325 -0.47 9.73 5.18
C ALA B 325 -1.59 8.90 4.61
N LYS B 326 -2.75 8.93 5.24
CA LYS B 326 -3.92 8.25 4.70
C LYS B 326 -5.09 9.21 4.62
N ILE B 327 -5.64 9.40 3.42
CA ILE B 327 -6.83 10.23 3.23
C ILE B 327 -8.01 9.53 3.89
N SER B 328 -8.86 10.30 4.57
CA SER B 328 -10.07 9.76 5.20
C SER B 328 -11.30 10.62 4.90
N ASP B 329 -12.45 10.08 5.32
CA ASP B 329 -13.75 10.75 5.29
C ASP B 329 -14.27 10.94 3.87
N PHE B 330 -14.95 9.90 3.37
CA PHE B 330 -15.49 9.87 2.02
C PHE B 330 -17.03 9.97 1.99
N GLY B 331 -17.61 10.49 3.06
CA GLY B 331 -19.08 10.61 3.18
C GLY B 331 -19.69 11.62 2.23
N LEU B 332 -18.99 12.71 1.99
CA LEU B 332 -19.41 13.75 1.05
C LEU B 332 -18.89 13.56 -0.38
N ALA B 333 -18.29 12.41 -0.68
CA ALA B 333 -17.63 12.20 -1.99
C ALA B 333 -18.62 12.07 -3.15
N ARG B 334 -18.18 12.48 -4.34
CA ARG B 334 -19.00 12.41 -5.57
C ARG B 334 -18.22 11.81 -6.72
N ALA B 335 -18.93 11.10 -7.59
CA ALA B 335 -18.38 10.58 -8.83
C ALA B 335 -18.37 11.69 -9.89
N SER B 336 -17.25 11.80 -10.63
CA SER B 336 -17.13 12.69 -11.78
C SER B 336 -17.46 11.92 -13.05
N GLU B 337 -18.00 12.62 -14.05
CA GLU B 337 -18.35 12.01 -15.35
C GLU B 337 -18.10 12.98 -16.49
N VAL B 343 -20.79 20.07 -12.68
CA VAL B 343 -22.09 20.12 -12.02
C VAL B 343 -22.14 21.17 -10.90
N MET B 344 -23.32 21.74 -10.67
CA MET B 344 -23.59 22.54 -9.47
C MET B 344 -24.44 21.75 -8.48
N SEP B 346 -27.01 22.55 -4.81
CA SEP B 346 -27.67 23.52 -3.93
CB SEP B 346 -29.19 23.42 -4.07
OG SEP B 346 -29.60 22.07 -4.14
C SEP B 346 -27.26 23.35 -2.46
O SEP B 346 -27.20 24.34 -1.72
P SEP B 346 -31.17 21.90 -4.51
O1P SEP B 346 -31.61 20.39 -4.21
O2P SEP B 346 -32.04 22.92 -3.61
O3P SEP B 346 -31.42 22.23 -6.07
N ARG B 347 -27.00 22.12 -2.04
CA ARG B 347 -26.46 21.83 -0.71
C ARG B 347 -24.93 21.96 -0.74
N ILE B 348 -24.43 23.13 -0.37
CA ILE B 348 -22.98 23.39 -0.31
C ILE B 348 -22.40 22.75 0.97
N VAL B 349 -21.32 21.98 0.80
CA VAL B 349 -20.68 21.26 1.91
C VAL B 349 -19.16 21.39 1.88
N GLY B 350 -18.54 21.20 3.05
CA GLY B 350 -17.09 21.35 3.21
C GLY B 350 -16.78 22.32 4.34
N THR B 351 -15.50 22.65 4.48
CA THR B 351 -15.02 23.50 5.56
C THR B 351 -14.45 24.78 4.94
N THR B 352 -15.10 25.90 5.23
CA THR B 352 -14.88 27.18 4.53
C THR B 352 -13.43 27.59 4.35
N ALA B 353 -12.62 27.39 5.40
CA ALA B 353 -11.23 27.83 5.38
C ALA B 353 -10.34 27.04 4.40
N TYR B 354 -10.81 25.85 3.99
CA TYR B 354 -10.11 24.99 3.00
C TYR B 354 -10.74 25.00 1.60
N MET B 355 -11.93 25.56 1.44
CA MET B 355 -12.71 25.48 0.19
C MET B 355 -12.31 26.54 -0.82
N ALA B 356 -12.26 26.13 -2.10
CA ALA B 356 -12.06 27.04 -3.22
C ALA B 356 -13.31 27.91 -3.50
N PRO B 357 -13.12 29.05 -4.21
CA PRO B 357 -14.25 29.95 -4.50
C PRO B 357 -15.42 29.28 -5.23
N GLU B 358 -15.12 28.49 -6.27
CA GLU B 358 -16.15 27.79 -7.02
C GLU B 358 -16.90 26.75 -6.19
N ALA B 359 -16.19 26.10 -5.27
CA ALA B 359 -16.82 25.18 -4.32
C ALA B 359 -17.85 25.93 -3.48
N LEU B 360 -17.46 27.11 -2.98
CA LEU B 360 -18.36 27.96 -2.19
C LEU B 360 -19.54 28.51 -3.00
N ARG B 361 -19.38 28.57 -4.33
CA ARG B 361 -20.47 28.94 -5.26
C ARG B 361 -21.40 27.77 -5.60
N GLY B 362 -21.02 26.57 -5.19
CA GLY B 362 -21.84 25.38 -5.39
C GLY B 362 -21.38 24.45 -6.49
N GLU B 363 -20.23 24.72 -7.12
CA GLU B 363 -19.68 23.83 -8.15
C GLU B 363 -19.11 22.57 -7.52
N ILE B 364 -19.00 21.52 -8.34
CA ILE B 364 -18.40 20.25 -7.95
C ILE B 364 -17.40 19.84 -9.03
N THR B 365 -16.12 19.78 -8.66
CA THR B 365 -15.04 19.51 -9.59
C THR B 365 -13.80 19.11 -8.81
N PRO B 366 -12.97 18.18 -9.36
CA PRO B 366 -11.72 17.83 -8.66
C PRO B 366 -10.72 18.99 -8.52
N LYS B 367 -10.90 20.03 -9.33
CA LYS B 367 -10.05 21.22 -9.26
C LYS B 367 -10.17 21.91 -7.89
N SER B 368 -11.32 21.73 -7.23
CA SER B 368 -11.53 22.21 -5.86
C SER B 368 -10.76 21.37 -4.81
N ASP B 369 -10.63 20.06 -5.03
CA ASP B 369 -9.77 19.23 -4.15
C ASP B 369 -8.31 19.71 -4.18
N ILE B 370 -7.83 20.18 -5.35
CA ILE B 370 -6.47 20.71 -5.46
C ILE B 370 -6.30 21.96 -4.60
N TYR B 371 -7.21 22.91 -4.71
CA TYR B 371 -7.15 24.14 -3.88
C TYR B 371 -7.08 23.83 -2.38
N SER B 372 -7.92 22.89 -1.93
CA SER B 372 -7.94 22.51 -0.52
C SER B 372 -6.61 21.87 -0.10
N PHE B 373 -6.00 21.09 -1.00
CA PHE B 373 -4.68 20.54 -0.75
C PHE B 373 -3.60 21.62 -0.66
N GLY B 374 -3.73 22.68 -1.46
CA GLY B 374 -2.82 23.82 -1.39
C GLY B 374 -2.81 24.46 -0.02
N VAL B 375 -3.97 24.46 0.65
CA VAL B 375 -4.08 25.00 2.01
C VAL B 375 -3.39 24.02 2.96
N VAL B 376 -3.69 22.72 2.86
CA VAL B 376 -2.97 21.70 3.62
C VAL B 376 -1.43 21.91 3.50
N LEU B 377 -0.92 22.09 2.28
CA LEU B 377 0.53 22.34 2.11
C LEU B 377 1.00 23.52 2.96
N LEU B 378 0.25 24.63 2.96
CA LEU B 378 0.55 25.77 3.85
C LEU B 378 0.55 25.41 5.34
N GLU B 379 -0.36 24.53 5.78
CA GLU B 379 -0.38 24.07 7.17
C GLU B 379 0.90 23.30 7.51
N ILE B 380 1.33 22.43 6.59
CA ILE B 380 2.54 21.63 6.77
C ILE B 380 3.79 22.52 6.87
N ILE B 381 3.87 23.57 6.05
CA ILE B 381 5.01 24.51 6.04
C ILE B 381 5.05 25.40 7.30
N THR B 382 3.90 25.94 7.66
CA THR B 382 3.81 26.97 8.69
C THR B 382 3.49 26.42 10.08
N GLY B 383 2.90 25.22 10.14
CA GLY B 383 2.40 24.65 11.40
C GLY B 383 1.19 25.35 12.00
N LEU B 384 0.56 26.23 11.25
CA LEU B 384 -0.56 27.04 11.71
C LEU B 384 -1.88 26.43 11.18
N PRO B 385 -2.99 26.52 11.95
CA PRO B 385 -4.26 26.00 11.45
C PRO B 385 -4.84 26.90 10.35
N ALA B 386 -5.60 26.32 9.43
CA ALA B 386 -6.25 27.09 8.34
C ALA B 386 -7.09 28.29 8.82
N VAL B 387 -7.71 28.18 10.01
CA VAL B 387 -8.43 29.31 10.62
C VAL B 387 -8.10 29.45 12.12
N ASP B 388 -7.87 30.69 12.53
CA ASP B 388 -7.81 31.08 13.95
C ASP B 388 -8.45 32.47 14.06
N GLU B 389 -9.55 32.56 14.79
CA GLU B 389 -10.22 33.85 15.04
C GLU B 389 -9.28 34.85 15.70
N HIS B 390 -8.44 34.36 16.61
CA HIS B 390 -7.47 35.17 17.36
C HIS B 390 -6.12 35.21 16.61
N ARG B 391 -6.16 35.74 15.37
CA ARG B 391 -4.97 35.81 14.51
C ARG B 391 -5.16 36.74 13.32
N GLU B 392 -4.05 37.32 12.84
CA GLU B 392 -4.02 38.23 11.69
C GLU B 392 -2.92 37.76 10.73
N PRO B 393 -3.27 37.36 9.48
CA PRO B 393 -4.62 37.21 8.91
C PRO B 393 -5.33 36.00 9.51
N GLN B 394 -6.66 36.09 9.65
CA GLN B 394 -7.45 35.01 10.26
C GLN B 394 -7.39 33.72 9.44
N LEU B 395 -7.40 33.85 8.12
CA LEU B 395 -7.37 32.72 7.19
C LEU B 395 -5.97 32.53 6.62
N LEU B 396 -5.47 31.30 6.70
CA LEU B 396 -4.10 31.01 6.33
C LEU B 396 -3.81 31.22 4.85
N LEU B 397 -4.82 31.03 3.99
CA LEU B 397 -4.66 31.27 2.54
C LEU B 397 -4.31 32.74 2.20
N ASP B 398 -4.63 33.67 3.09
CA ASP B 398 -4.27 35.08 2.92
C ASP B 398 -2.77 35.38 3.01
N ILE B 399 -1.95 34.44 3.47
CA ILE B 399 -0.49 34.67 3.50
C ILE B 399 0.12 34.61 2.07
N LYS B 400 -0.52 33.88 1.17
CA LYS B 400 -0.16 33.89 -0.25
C LYS B 400 -0.13 35.31 -0.84
N GLU B 401 -1.13 36.11 -0.50
CA GLU B 401 -1.22 37.50 -0.97
C GLU B 401 -0.14 38.40 -0.34
N GLU B 402 0.16 38.20 0.95
CA GLU B 402 1.21 38.95 1.65
C GLU B 402 2.61 38.72 1.06
N ILE B 403 2.88 37.48 0.69
CA ILE B 403 4.16 37.10 0.06
C ILE B 403 4.28 37.68 -1.36
N GLU B 404 3.22 37.57 -2.16
CA GLU B 404 3.20 38.13 -3.52
C GLU B 404 3.34 39.65 -3.58
N ASP B 405 2.81 40.34 -2.57
CA ASP B 405 2.95 41.79 -2.45
C ASP B 405 4.22 42.22 -1.67
N GLU B 406 5.14 41.27 -1.44
CA GLU B 406 6.42 41.50 -0.72
C GLU B 406 6.29 42.11 0.70
N GLU B 407 5.12 41.95 1.32
CA GLU B 407 4.92 42.35 2.72
C GLU B 407 5.69 41.38 3.65
N LYS B 408 5.70 40.11 3.28
CA LYS B 408 6.52 39.08 3.94
C LYS B 408 7.12 38.13 2.88
N THR B 409 7.86 37.12 3.34
CA THR B 409 8.34 36.01 2.49
C THR B 409 7.99 34.69 3.18
N ILE B 410 8.18 33.57 2.49
CA ILE B 410 7.82 32.26 3.06
C ILE B 410 8.67 31.89 4.29
N GLU B 411 9.94 32.28 4.28
CA GLU B 411 10.83 32.13 5.43
C GLU B 411 10.28 32.78 6.71
N ASP B 412 9.54 33.88 6.57
CA ASP B 412 8.88 34.54 7.71
C ASP B 412 7.79 33.70 8.36
N TYR B 413 7.19 32.78 7.60
CA TYR B 413 6.07 31.95 8.08
C TYR B 413 6.40 30.50 8.44
N ILE B 414 7.57 30.03 8.03
CA ILE B 414 8.02 28.66 8.28
C ILE B 414 7.94 28.27 9.78
N ASP B 415 7.47 27.04 10.02
CA ASP B 415 7.28 26.52 11.37
C ASP B 415 8.63 26.48 12.07
N LYS B 416 8.75 27.26 13.14
CA LYS B 416 9.98 27.31 13.92
C LYS B 416 10.21 26.05 14.77
N LYS B 417 9.22 25.15 14.85
CA LYS B 417 9.36 23.90 15.59
C LYS B 417 9.97 22.80 14.72
N MET B 418 11.12 23.12 14.12
CA MET B 418 11.80 22.28 13.12
C MET B 418 13.25 22.74 13.09
N ASN B 419 14.20 21.82 12.96
CA ASN B 419 15.62 22.20 12.72
C ASN B 419 16.30 21.52 11.53
N ASP B 420 15.51 20.84 10.69
CA ASP B 420 16.01 20.10 9.51
C ASP B 420 15.38 20.60 8.20
N ALA B 421 14.81 21.80 8.22
CA ALA B 421 14.25 22.41 7.02
C ALA B 421 15.39 23.08 6.25
N ASP B 422 15.34 23.03 4.92
CA ASP B 422 16.24 23.79 4.06
C ASP B 422 15.39 24.65 3.15
N SER B 423 15.94 25.82 2.78
CA SER B 423 15.22 26.84 2.02
C SER B 423 14.75 26.36 0.64
N THR B 424 15.58 25.56 -0.01
CA THR B 424 15.30 25.10 -1.37
C THR B 424 14.08 24.17 -1.44
N SER B 425 14.02 23.18 -0.56
CA SER B 425 12.89 22.25 -0.55
C SER B 425 11.64 23.00 -0.08
N VAL B 426 11.79 23.82 0.97
CA VAL B 426 10.70 24.63 1.53
C VAL B 426 10.09 25.56 0.47
N GLU B 427 10.94 26.25 -0.28
CA GLU B 427 10.48 27.12 -1.37
C GLU B 427 9.85 26.32 -2.51
N ALA B 428 10.39 25.12 -2.78
CA ALA B 428 9.83 24.21 -3.77
C ALA B 428 8.41 23.73 -3.40
N MET B 429 8.14 23.53 -2.12
CA MET B 429 6.77 23.15 -1.65
C MET B 429 5.81 24.34 -1.56
N TYR B 430 6.33 25.53 -1.28
CA TYR B 430 5.49 26.72 -1.27
C TYR B 430 5.01 27.02 -2.70
N SER B 431 5.96 26.94 -3.63
CA SER B 431 5.68 27.03 -5.07
C SER B 431 4.53 26.13 -5.49
N VAL B 432 4.51 24.89 -4.99
CA VAL B 432 3.40 23.95 -5.28
C VAL B 432 2.08 24.43 -4.64
N ALA B 433 2.12 24.74 -3.34
CA ALA B 433 0.99 25.30 -2.61
C ALA B 433 0.38 26.51 -3.33
N SER B 434 1.25 27.45 -3.75
CA SER B 434 0.82 28.67 -4.46
C SER B 434 0.05 28.34 -5.72
N GLN B 435 0.55 27.36 -6.48
CA GLN B 435 -0.04 26.93 -7.75
C GLN B 435 -1.40 26.30 -7.53
N CYS B 436 -1.52 25.44 -6.51
CA CYS B 436 -2.81 24.89 -6.08
C CYS B 436 -3.81 25.97 -5.72
N LEU B 437 -3.33 27.06 -5.11
CA LEU B 437 -4.18 28.11 -4.57
C LEU B 437 -4.57 29.22 -5.56
N HIS B 438 -4.41 28.97 -6.86
CA HIS B 438 -4.85 29.91 -7.89
C HIS B 438 -6.36 30.08 -7.81
N GLU B 439 -6.82 31.34 -7.80
CA GLU B 439 -8.24 31.65 -7.63
C GLU B 439 -9.10 31.16 -8.79
N LYS B 440 -8.53 31.18 -10.00
CA LYS B 440 -9.15 30.64 -11.20
C LYS B 440 -8.91 29.13 -11.33
N LYS B 441 -9.99 28.35 -11.24
CA LYS B 441 -9.94 26.88 -11.21
C LYS B 441 -9.13 26.20 -12.33
N ASN B 442 -9.27 26.71 -13.54
CA ASN B 442 -8.63 26.12 -14.72
C ASN B 442 -7.12 26.40 -14.82
N LYS B 443 -6.61 27.34 -14.01
CA LYS B 443 -5.18 27.67 -13.99
C LYS B 443 -4.37 26.87 -12.95
N ARG B 444 -5.02 26.14 -12.06
CA ARG B 444 -4.32 25.25 -11.12
C ARG B 444 -3.80 24.00 -11.85
N PRO B 445 -2.71 23.38 -11.34
CA PRO B 445 -2.33 22.06 -11.82
C PRO B 445 -3.29 20.97 -11.37
N ASP B 446 -3.37 19.89 -12.14
CA ASP B 446 -4.06 18.69 -11.70
C ASP B 446 -3.15 17.90 -10.74
N ILE B 447 -3.77 16.97 -10.01
CA ILE B 447 -3.11 16.20 -8.96
C ILE B 447 -1.87 15.41 -9.43
N LYS B 448 -1.84 15.03 -10.71
CA LYS B 448 -0.73 14.29 -11.29
C LYS B 448 0.52 15.17 -11.42
N LYS B 449 0.34 16.41 -11.90
CA LYS B 449 1.43 17.42 -11.93
C LYS B 449 1.94 17.73 -10.53
N VAL B 450 1.02 17.86 -9.57
CA VAL B 450 1.36 18.09 -8.16
C VAL B 450 2.27 16.96 -7.61
N GLN B 451 1.88 15.71 -7.85
CA GLN B 451 2.70 14.54 -7.49
C GLN B 451 4.11 14.71 -8.01
N GLN B 452 4.24 14.98 -9.30
CA GLN B 452 5.54 15.10 -9.97
C GLN B 452 6.39 16.21 -9.35
N LEU B 453 5.78 17.36 -9.07
CA LEU B 453 6.50 18.47 -8.45
C LEU B 453 7.01 18.12 -7.05
N LEU B 454 6.13 17.52 -6.24
CA LEU B 454 6.50 17.01 -4.91
C LEU B 454 7.58 15.88 -4.95
N GLN B 455 7.62 15.12 -6.04
CA GLN B 455 8.65 14.08 -6.22
C GLN B 455 9.98 14.73 -6.55
N GLU B 456 9.98 15.61 -7.56
CA GLU B 456 11.14 16.43 -7.93
C GLU B 456 11.77 17.16 -6.74
N MET B 457 10.92 17.58 -5.79
CA MET B 457 11.34 18.25 -4.56
C MET B 457 12.29 17.41 -3.70
N THR B 458 11.91 16.16 -3.45
CA THR B 458 12.72 15.24 -2.62
C THR B 458 14.02 14.77 -3.33
N ALA B 459 13.99 14.66 -4.66
CA ALA B 459 15.13 14.20 -5.45
C ALA B 459 16.28 15.23 -5.50
C2 SO9 C . 11.55 -9.85 -8.35
C4 SO9 C . 11.93 -8.99 -7.18
C6 SO9 C . 13.50 -8.95 -7.03
C8 SO9 C . 13.77 -8.34 -5.65
C12 SO9 C . 13.87 -7.72 -7.92
C16 SO9 C . 10.15 -5.97 -8.73
C18 SO9 C . 9.18 -4.01 -7.92
C21 SO9 C . 9.34 -5.90 -9.86
C23 SO9 C . 7.96 -5.93 -11.91
C24 SO9 C . 7.70 -4.91 -11.13
C27 SO9 C . 9.78 -1.45 -5.29
C32 SO9 C . 9.72 -0.98 -1.50
C33 SO9 C . 9.22 -0.57 -0.09
C34 SO9 C . 8.63 0.86 -0.31
C35 SO9 C . 9.37 1.39 -1.56
C36 SO9 C . 11.84 -1.66 -4.04
C37 SO9 C . 12.12 -2.82 -4.73
C38 SO9 C . 11.25 -3.31 -5.70
O1 SO9 C . 11.87 -9.53 -9.48
N3 SO9 C . 10.87 -11.01 -8.18
C9 SO9 C . 13.42 -7.06 -5.68
C10 SO9 C . 12.92 -6.74 -7.09
C13 SO9 C . 11.56 -7.48 -7.32
N15 SO9 C . 11.05 -7.02 -8.62
N17 SO9 C . 10.03 -5.03 -7.80
N19 SO9 C . 8.39 -3.91 -8.96
C20 SO9 C . 8.44 -4.83 -9.96
S22 SO9 C . 9.21 -6.95 -11.27
N25 SO9 C . 9.07 -3.02 -6.94
C26 SO9 C . 10.06 -2.62 -6.00
C28 SO9 C . 10.65 -0.97 -4.33
C29 SO9 C . 10.26 0.26 -3.64
O30 SO9 C . 10.30 1.31 -4.26
N31 SO9 C . 9.81 0.23 -2.35
C1 BME D . -8.20 -11.60 9.50
C2 BME D . -6.85 -12.30 9.68
O1 BME D . -8.21 -10.29 10.09
S2 BME D . -6.60 -13.63 8.47
C2 SO9 E . -11.09 11.88 11.70
C4 SO9 E . -10.23 12.35 12.84
C6 SO9 E . -11.08 13.08 13.95
C8 SO9 E . -10.02 13.81 14.79
C12 SO9 E . -11.42 11.90 14.94
C16 SO9 E . -9.23 8.71 13.34
C18 SO9 E . -7.37 7.64 14.29
C21 SO9 E . -9.50 7.60 12.54
C23 SO9 E . -10.06 5.66 11.06
C24 SO9 E . -9.01 5.45 11.82
C27 SO9 E . -4.93 8.02 17.11
C32 SO9 E . -2.07 10.40 18.69
C33 SO9 E . -0.66 10.82 19.15
C34 SO9 E . 0.02 9.49 19.53
C35 SO9 E . -1.16 8.67 20.06
C36 SO9 E . -5.32 9.89 18.62
C37 SO9 E . -6.40 10.26 17.84
C38 SO9 E . -6.74 9.53 16.70
O1 SO9 E . -11.97 11.07 11.93
N3 SO9 E . -10.86 12.33 10.44
C9 SO9 E . -9.33 12.90 15.45
C10 SO9 E . -9.89 11.50 15.11
C13 SO9 E . -9.54 11.18 13.61
N15 SO9 E . -10.05 9.83 13.26
N17 SO9 E . -8.18 8.68 14.17
N19 SO9 E . -7.60 6.56 13.56
C20 SO9 E . -8.64 6.49 12.68
S22 SO9 E . -10.74 7.25 11.34
N25 SO9 E . -6.27 7.59 15.17
C26 SO9 E . -6.02 8.39 16.32
C28 SO9 E . -4.58 8.77 18.25
C29 SO9 E . -3.43 8.31 19.07
O30 SO9 E . -3.51 7.22 19.60
N31 SO9 E . -2.33 9.06 19.26
C1 BME F . 13.80 16.35 1.59
C2 BME F . 12.92 17.43 2.21
O1 BME F . 14.68 15.72 2.55
S2 BME F . 11.32 17.48 1.33
#